data_8APT
#
_entry.id   8APT
#
_cell.length_a   94.671
_cell.length_b   94.671
_cell.length_c   177.958
_cell.angle_alpha   90.000
_cell.angle_beta   90.000
_cell.angle_gamma   120.000
#
_symmetry.space_group_name_H-M   'H 3 2'
#
loop_
_entity.id
_entity.type
_entity.pdbx_description
1 polymer 'tRNA (guanine-N(1)-)-methyltransferase'
2 non-polymer 6-[[3-(aminomethyl)phenyl]methylamino]pyridine-3-carboxamide
3 non-polymer 'CITRIC ACID'
4 water water
#
_entity_poly.entity_id   1
_entity_poly.type   'polypeptide(L)'
_entity_poly.pdbx_seq_one_letter_code
;MGSSHHHHHHSSGLVPRGSHMWIGVISLFPEMFKAITEFGVTGRAVKHNLLKVECWNPRDFTFDKHKTVDDRPYGGGPGM
LMMVQPLRDAIHTAKAAAGEGAKVIYLSPQGRKLDQGGVTELAQNQKLILVCGRYEGIDERLIQTEIDEEWSIGDYVLTG
GELPAMTLIDAVARFIPGVLGKQASAEEDSFADGLLDCPHYTRPEVLEGLTVPPVLMSGHHEEIRKWRLKQSLQRTWLRR
PELLEGLALTDEQRKLLKEAQAEHNS
;
_entity_poly.pdbx_strand_id   A
#
# COMPACT_ATOMS: atom_id res chain seq x y z
N SER A 11 17.29 18.13 7.58
CA SER A 11 15.94 17.88 8.23
C SER A 11 16.07 18.11 9.75
N SER A 12 15.06 18.72 10.35
CA SER A 12 15.06 19.03 11.78
C SER A 12 13.64 18.86 12.31
N GLY A 13 13.53 18.71 13.63
CA GLY A 13 12.24 18.64 14.35
C GLY A 13 12.33 17.72 15.54
N LEU A 14 11.22 17.62 16.26
CA LEU A 14 11.18 17.05 17.62
C LEU A 14 10.57 15.66 17.54
N VAL A 15 9.81 15.39 16.47
CA VAL A 15 9.09 14.09 16.36
C VAL A 15 10.09 12.94 16.23
N PRO A 16 10.00 11.86 17.05
CA PRO A 16 10.89 10.71 16.88
C PRO A 16 10.76 10.14 15.47
N ARG A 17 11.88 9.97 14.78
CA ARG A 17 11.89 9.52 13.37
C ARG A 17 13.02 8.53 13.11
N GLY A 18 13.35 7.67 14.07
CA GLY A 18 14.41 6.66 13.87
C GLY A 18 14.09 5.78 12.65
N SER A 19 12.83 5.36 12.49
CA SER A 19 12.38 4.44 11.40
C SER A 19 11.87 5.19 10.16
N HIS A 20 12.24 6.44 9.97
CA HIS A 20 11.74 7.25 8.82
C HIS A 20 12.00 6.53 7.50
N MET A 21 11.13 6.78 6.51
CA MET A 21 11.28 6.14 5.18
C MET A 21 11.45 7.23 4.16
N TRP A 22 12.32 6.97 3.20
CA TRP A 22 12.46 7.79 2.00
C TRP A 22 11.92 6.97 0.82
N ILE A 23 11.07 7.61 0.03
CA ILE A 23 10.48 6.96 -1.17
C ILE A 23 10.75 7.87 -2.33
N GLY A 24 11.64 7.43 -3.20
CA GLY A 24 11.82 8.02 -4.52
C GLY A 24 10.73 7.53 -5.46
N VAL A 25 10.25 8.41 -6.31
CA VAL A 25 9.16 8.08 -7.24
C VAL A 25 9.58 8.58 -8.62
N ILE A 26 9.43 7.73 -9.61
CA ILE A 26 9.61 8.07 -11.05
C ILE A 26 8.22 8.10 -11.67
N SER A 27 7.75 9.29 -12.11
CA SER A 27 6.38 9.47 -12.65
C SER A 27 6.35 10.62 -13.62
N LEU A 28 5.59 10.47 -14.70
CA LEU A 28 5.21 11.53 -15.65
C LEU A 28 4.16 12.49 -15.04
N PHE A 29 3.53 12.13 -13.92
CA PHE A 29 2.54 12.98 -13.25
C PHE A 29 2.82 13.12 -11.77
N PRO A 30 3.96 13.76 -11.39
CA PRO A 30 4.33 13.86 -9.99
C PRO A 30 3.28 14.59 -9.12
N GLU A 31 2.48 15.46 -9.72
CA GLU A 31 1.44 16.23 -8.99
C GLU A 31 0.39 15.29 -8.41
N MET A 32 0.24 14.08 -8.96
CA MET A 32 -0.75 13.09 -8.41
C MET A 32 -0.39 12.82 -6.97
N PHE A 33 0.91 12.89 -6.63
CA PHE A 33 1.39 12.43 -5.30
C PHE A 33 1.05 13.46 -4.22
N LYS A 34 0.60 14.63 -4.60
CA LYS A 34 0.03 15.59 -3.60
C LYS A 34 -1.13 14.93 -2.82
N ALA A 35 -1.83 13.97 -3.41
CA ALA A 35 -3.01 13.33 -2.80
C ALA A 35 -2.52 12.66 -1.50
N ILE A 36 -1.30 12.13 -1.47
CA ILE A 36 -0.76 11.57 -0.21
C ILE A 36 0.10 12.58 0.55
N THR A 37 0.84 13.47 -0.09
CA THR A 37 1.85 14.27 0.65
C THR A 37 1.21 15.52 1.25
N GLU A 38 -0.01 15.84 0.86
CA GLU A 38 -0.62 17.12 1.31
C GLU A 38 -1.77 16.90 2.27
N PHE A 39 -2.26 15.70 2.49
CA PHE A 39 -3.55 15.47 3.17
C PHE A 39 -3.45 14.34 4.19
N GLY A 40 -4.19 14.52 5.30
CA GLY A 40 -4.42 13.42 6.24
C GLY A 40 -3.17 12.91 6.90
N VAL A 41 -3.23 11.66 7.30
CA VAL A 41 -2.19 10.92 8.08
C VAL A 41 -0.88 10.89 7.31
N THR A 42 -0.90 10.63 6.00
CA THR A 42 0.29 10.61 5.17
C THR A 42 0.86 12.03 5.08
N GLY A 43 0.01 13.04 4.95
CA GLY A 43 0.45 14.44 4.90
C GLY A 43 1.15 14.81 6.18
N ARG A 44 0.59 14.38 7.30
CA ARG A 44 1.22 14.64 8.62
C ARG A 44 2.57 13.93 8.70
N ALA A 45 2.63 12.69 8.23
CA ALA A 45 3.91 11.92 8.25
C ALA A 45 4.96 12.76 7.52
N VAL A 46 4.62 13.31 6.35
CA VAL A 46 5.56 14.10 5.53
C VAL A 46 6.00 15.35 6.34
N LYS A 47 5.07 16.10 6.88
CA LYS A 47 5.39 17.35 7.62
C LYS A 47 6.30 17.03 8.81
N HIS A 48 6.14 15.86 9.43
CA HIS A 48 6.88 15.49 10.65
C HIS A 48 8.19 14.75 10.31
N ASN A 49 8.54 14.61 9.04
CA ASN A 49 9.81 14.01 8.60
C ASN A 49 9.84 12.51 8.93
N LEU A 50 8.67 11.84 9.04
CA LEU A 50 8.61 10.36 9.17
C LEU A 50 8.69 9.72 7.78
N LEU A 51 8.19 10.46 6.80
CA LEU A 51 8.05 9.98 5.40
C LEU A 51 8.54 11.09 4.48
N LYS A 52 9.38 10.75 3.53
CA LYS A 52 9.74 11.70 2.47
C LYS A 52 9.45 11.07 1.13
N VAL A 53 8.72 11.81 0.27
CA VAL A 53 8.37 11.36 -1.09
C VAL A 53 9.04 12.32 -2.06
N GLU A 54 9.97 11.84 -2.86
CA GLU A 54 10.74 12.71 -3.81
C GLU A 54 10.51 12.17 -5.21
N CYS A 55 10.08 13.04 -6.11
CA CYS A 55 9.62 12.61 -7.48
C CYS A 55 10.63 13.08 -8.53
N TRP A 56 10.94 12.21 -9.47
CA TRP A 56 11.63 12.57 -10.74
C TRP A 56 10.67 12.31 -11.90
N ASN A 57 10.59 13.24 -12.82
CA ASN A 57 9.69 13.14 -13.99
C ASN A 57 10.54 12.85 -15.24
N PRO A 58 10.40 11.68 -15.90
CA PRO A 58 11.12 11.41 -17.17
C PRO A 58 11.07 12.58 -18.17
N ARG A 59 9.99 13.36 -18.18
CA ARG A 59 9.90 14.53 -19.10
C ARG A 59 11.12 15.46 -18.94
N ASP A 60 11.60 15.62 -17.72
CA ASP A 60 12.74 16.52 -17.42
C ASP A 60 14.04 15.93 -17.97
N PHE A 61 14.05 14.66 -18.39
CA PHE A 61 15.27 13.94 -18.88
C PHE A 61 15.22 13.80 -20.40
N THR A 62 14.25 14.45 -21.05
CA THR A 62 14.18 14.46 -22.53
C THR A 62 15.09 15.56 -23.09
N PHE A 63 15.45 15.42 -24.37
CA PHE A 63 16.30 16.43 -25.07
C PHE A 63 15.65 16.94 -26.34
N ASP A 64 14.55 16.33 -26.79
CA ASP A 64 13.93 16.76 -28.07
C ASP A 64 13.01 17.93 -27.75
N LYS A 65 12.69 18.70 -28.80
CA LYS A 65 11.89 19.92 -28.71
C LYS A 65 10.54 19.58 -28.06
N HIS A 66 9.95 18.46 -28.35
CA HIS A 66 8.57 18.18 -27.82
C HIS A 66 8.60 17.27 -26.57
N LYS A 67 9.77 17.00 -25.99
CA LYS A 67 9.89 16.32 -24.68
C LYS A 67 9.16 14.98 -24.76
N THR A 68 9.54 14.18 -25.75
CA THR A 68 8.85 12.90 -26.04
C THR A 68 9.18 11.85 -24.96
N VAL A 69 8.14 11.21 -24.39
CA VAL A 69 8.35 10.23 -23.28
C VAL A 69 7.75 8.89 -23.62
N ASP A 70 7.14 8.74 -24.79
CA ASP A 70 6.60 7.44 -25.24
C ASP A 70 7.35 6.97 -26.48
N ASP A 71 7.23 5.71 -26.78
CA ASP A 71 7.93 5.12 -27.97
C ASP A 71 7.12 3.90 -28.41
N ARG A 72 7.32 3.54 -29.68
CA ARG A 72 6.55 2.44 -30.33
C ARG A 72 7.13 1.09 -29.95
N PRO A 73 6.22 0.11 -29.72
CA PRO A 73 6.63 -1.27 -29.45
C PRO A 73 7.14 -1.99 -30.69
N TYR A 74 8.27 -2.68 -30.55
CA TYR A 74 8.75 -3.59 -31.59
C TYR A 74 7.64 -4.63 -31.78
N GLY A 75 7.31 -4.89 -33.04
CA GLY A 75 6.35 -5.95 -33.45
C GLY A 75 4.95 -5.43 -33.55
N GLY A 76 4.76 -4.15 -33.26
CA GLY A 76 3.48 -3.47 -33.43
C GLY A 76 2.58 -3.69 -32.25
N GLY A 77 1.33 -3.31 -32.43
CA GLY A 77 0.37 -3.36 -31.33
C GLY A 77 -0.39 -2.05 -31.37
N PRO A 78 -1.38 -1.88 -30.48
CA PRO A 78 -2.19 -0.68 -30.49
C PRO A 78 -1.41 0.45 -29.78
N GLY A 79 -0.75 0.08 -28.64
CA GLY A 79 -0.32 0.99 -27.57
C GLY A 79 1.15 1.36 -27.71
N MET A 80 1.57 2.30 -26.88
CA MET A 80 2.97 2.78 -26.84
C MET A 80 3.61 2.18 -25.57
N LEU A 81 4.92 2.31 -25.44
CA LEU A 81 5.64 2.07 -24.18
C LEU A 81 6.30 3.39 -23.71
N MET A 82 6.69 3.42 -22.47
CA MET A 82 7.56 4.51 -22.01
CA MET A 82 7.62 4.44 -21.93
C MET A 82 8.86 4.48 -22.82
N MET A 83 9.27 5.65 -23.26
CA MET A 83 10.54 5.81 -23.98
C MET A 83 11.67 5.40 -23.02
N VAL A 84 12.59 4.60 -23.47
CA VAL A 84 13.66 4.05 -22.61
C VAL A 84 14.56 5.19 -22.07
N GLN A 85 15.16 6.02 -22.91
CA GLN A 85 16.26 6.93 -22.47
C GLN A 85 15.80 7.87 -21.34
N PRO A 86 14.68 8.59 -21.47
CA PRO A 86 14.22 9.47 -20.40
C PRO A 86 13.90 8.74 -19.10
N LEU A 87 13.31 7.56 -19.23
CA LEU A 87 12.94 6.76 -18.05
C LEU A 87 14.18 6.22 -17.34
N ARG A 88 15.10 5.64 -18.11
CA ARG A 88 16.36 5.11 -17.56
C ARG A 88 17.13 6.24 -16.87
N ASP A 89 17.30 7.41 -17.53
CA ASP A 89 18.01 8.55 -16.91
C ASP A 89 17.34 9.00 -15.60
N ALA A 90 16.01 9.07 -15.57
CA ALA A 90 15.29 9.44 -14.34
C ALA A 90 15.58 8.39 -13.24
N ILE A 91 15.50 7.10 -13.53
CA ILE A 91 15.78 6.01 -12.59
C ILE A 91 17.22 6.19 -12.05
N HIS A 92 18.18 6.41 -12.94
CA HIS A 92 19.57 6.56 -12.50
C HIS A 92 19.75 7.75 -11.57
N THR A 93 19.11 8.86 -11.83
CA THR A 93 19.15 10.06 -10.97
C THR A 93 18.57 9.78 -9.59
N ALA A 94 17.42 9.09 -9.53
CA ALA A 94 16.80 8.67 -8.27
C ALA A 94 17.79 7.79 -7.49
N LYS A 95 18.40 6.81 -8.15
CA LYS A 95 19.32 5.85 -7.50
C LYS A 95 20.55 6.60 -6.91
N ALA A 96 21.08 7.57 -7.63
CA ALA A 96 22.22 8.41 -7.16
C ALA A 96 21.79 9.24 -5.96
N ALA A 97 20.58 9.77 -5.95
CA ALA A 97 20.06 10.55 -4.81
C ALA A 97 19.88 9.65 -3.59
N ALA A 98 19.44 8.41 -3.78
CA ALA A 98 19.10 7.51 -2.68
C ALA A 98 20.37 6.98 -2.01
N GLY A 99 21.44 6.89 -2.78
CA GLY A 99 22.67 6.21 -2.38
C GLY A 99 22.43 4.75 -2.10
N GLU A 100 23.18 4.17 -1.18
CA GLU A 100 23.25 2.68 -1.03
C GLU A 100 21.98 2.20 -0.36
N GLY A 101 21.53 1.00 -0.73
CA GLY A 101 20.51 0.27 0.03
C GLY A 101 19.11 0.50 -0.53
N ALA A 102 18.89 1.32 -1.54
CA ALA A 102 17.52 1.61 -2.06
C ALA A 102 17.01 0.43 -2.92
N LYS A 103 15.89 -0.18 -2.57
CA LYS A 103 15.28 -1.21 -3.43
C LYS A 103 14.39 -0.55 -4.49
N VAL A 104 14.53 -0.95 -5.75
CA VAL A 104 13.75 -0.40 -6.85
C VAL A 104 12.57 -1.31 -7.13
N ILE A 105 11.36 -0.71 -7.11
CA ILE A 105 10.09 -1.48 -7.26
C ILE A 105 9.42 -1.00 -8.52
N TYR A 106 8.93 -1.93 -9.35
CA TYR A 106 8.03 -1.55 -10.47
C TYR A 106 6.64 -2.10 -10.14
N LEU A 107 5.65 -1.23 -10.23
CA LEU A 107 4.24 -1.61 -9.96
C LEU A 107 3.67 -2.11 -11.28
N SER A 108 3.24 -3.37 -11.29
CA SER A 108 2.69 -4.00 -12.52
C SER A 108 1.71 -5.09 -12.13
N PRO A 109 0.70 -5.38 -12.99
CA PRO A 109 -0.17 -6.50 -12.75
C PRO A 109 0.54 -7.86 -12.78
N GLN A 110 1.72 -7.95 -13.36
CA GLN A 110 2.51 -9.19 -13.42
C GLN A 110 3.41 -9.31 -12.20
N GLY A 111 3.28 -8.40 -11.24
CA GLY A 111 4.11 -8.39 -10.04
C GLY A 111 3.59 -9.29 -8.96
N ARG A 112 4.39 -9.44 -7.90
CA ARG A 112 3.97 -10.18 -6.70
C ARG A 112 2.73 -9.50 -6.10
N LYS A 113 1.76 -10.27 -5.71
CA LYS A 113 0.50 -9.65 -5.18
C LYS A 113 0.73 -9.06 -3.78
N LEU A 114 0.49 -7.77 -3.63
CA LEU A 114 0.60 -7.11 -2.31
C LEU A 114 -0.53 -7.58 -1.37
N ASP A 115 -0.16 -7.89 -0.14
CA ASP A 115 -1.07 -8.17 0.98
C ASP A 115 -0.39 -7.55 2.20
N GLN A 116 -1.06 -7.57 3.36
CA GLN A 116 -0.51 -6.85 4.53
C GLN A 116 0.86 -7.46 4.92
N GLY A 117 1.03 -8.75 4.82
CA GLY A 117 2.34 -9.36 5.12
C GLY A 117 3.43 -8.78 4.22
N GLY A 118 3.15 -8.68 2.94
CA GLY A 118 4.10 -8.04 2.01
C GLY A 118 4.34 -6.59 2.31
N VAL A 119 3.27 -5.82 2.70
CA VAL A 119 3.44 -4.41 3.13
C VAL A 119 4.50 -4.37 4.27
N THR A 120 4.40 -5.26 5.26
CA THR A 120 5.31 -5.20 6.44
C THR A 120 6.72 -5.59 5.99
N GLU A 121 6.87 -6.46 4.99
CA GLU A 121 8.22 -6.81 4.46
C GLU A 121 8.79 -5.55 3.81
N LEU A 122 7.98 -4.88 2.96
CA LEU A 122 8.44 -3.66 2.25
C LEU A 122 8.80 -2.54 3.22
N ALA A 123 8.07 -2.42 4.31
CA ALA A 123 8.24 -1.40 5.35
C ALA A 123 9.60 -1.56 6.05
N GLN A 124 10.27 -2.69 5.88
CA GLN A 124 11.62 -2.88 6.54
C GLN A 124 12.68 -2.09 5.80
N ASN A 125 12.44 -1.73 4.54
CA ASN A 125 13.35 -0.90 3.72
C ASN A 125 13.29 0.55 4.20
N GLN A 126 14.44 1.16 4.47
CA GLN A 126 14.48 2.59 4.83
C GLN A 126 14.32 3.40 3.55
N LYS A 127 14.69 2.83 2.40
CA LYS A 127 14.69 3.57 1.12
C LYS A 127 14.04 2.70 0.05
N LEU A 128 13.05 3.25 -0.66
CA LEU A 128 12.41 2.56 -1.82
C LEU A 128 12.49 3.54 -3.01
N ILE A 129 12.55 3.00 -4.21
CA ILE A 129 12.27 3.78 -5.42
C ILE A 129 11.12 3.08 -6.13
N LEU A 130 10.06 3.84 -6.42
CA LEU A 130 8.85 3.31 -7.06
C LEU A 130 8.76 3.83 -8.49
N VAL A 131 8.80 2.94 -9.44
CA VAL A 131 8.77 3.30 -10.88
C VAL A 131 7.34 3.15 -11.36
N CYS A 132 6.77 4.23 -11.89
CA CYS A 132 5.35 4.31 -12.33
C CYS A 132 5.28 4.24 -13.86
N GLY A 133 4.84 3.09 -14.36
CA GLY A 133 4.60 2.84 -15.80
C GLY A 133 3.37 3.56 -16.28
N ARG A 134 3.47 4.23 -17.43
CA ARG A 134 2.29 4.68 -18.16
C ARG A 134 2.27 4.01 -19.54
N TYR A 135 1.27 4.31 -20.35
CA TYR A 135 1.08 3.62 -21.67
C TYR A 135 0.91 2.13 -21.38
N GLU A 136 1.44 1.24 -22.20
CA GLU A 136 1.30 -0.20 -21.96
C GLU A 136 2.37 -0.68 -20.97
N GLY A 137 3.27 0.20 -20.52
CA GLY A 137 4.29 -0.16 -19.52
C GLY A 137 5.70 0.12 -20.04
N ILE A 138 6.67 -0.64 -19.56
CA ILE A 138 8.11 -0.34 -19.81
C ILE A 138 8.77 -1.56 -20.43
N ASP A 139 9.86 -1.30 -21.16
CA ASP A 139 10.68 -2.30 -21.89
C ASP A 139 11.14 -3.38 -20.93
N GLU A 140 10.97 -4.64 -21.32
CA GLU A 140 11.33 -5.82 -20.51
C GLU A 140 12.76 -5.68 -19.95
N ARG A 141 13.70 -5.18 -20.78
CA ARG A 141 15.14 -5.16 -20.41
C ARG A 141 15.39 -4.18 -19.28
N LEU A 142 14.56 -3.14 -19.12
CA LEU A 142 14.64 -2.27 -17.91
C LEU A 142 14.28 -3.04 -16.65
N ILE A 143 13.40 -4.02 -16.74
CA ILE A 143 13.14 -4.88 -15.55
C ILE A 143 14.44 -5.55 -15.14
N GLN A 144 15.09 -6.23 -16.09
CA GLN A 144 16.34 -6.97 -15.79
C GLN A 144 17.40 -5.97 -15.31
N THR A 145 17.51 -4.78 -15.90
CA THR A 145 18.70 -3.95 -15.58
C THR A 145 18.45 -3.04 -14.38
N GLU A 146 17.21 -2.63 -14.08
CA GLU A 146 16.96 -1.49 -13.12
C GLU A 146 16.09 -1.94 -11.95
N ILE A 147 15.25 -2.96 -12.12
CA ILE A 147 14.16 -3.23 -11.15
C ILE A 147 14.63 -4.34 -10.21
N ASP A 148 14.49 -4.16 -8.90
CA ASP A 148 14.73 -5.23 -7.93
C ASP A 148 13.51 -6.16 -7.80
N GLU A 149 12.31 -5.61 -7.67
CA GLU A 149 11.07 -6.41 -7.44
C GLU A 149 9.91 -5.79 -8.20
N GLU A 150 9.04 -6.63 -8.75
CA GLU A 150 7.73 -6.17 -9.27
C GLU A 150 6.65 -6.55 -8.27
N TRP A 151 5.72 -5.64 -8.03
CA TRP A 151 4.55 -5.84 -7.13
C TRP A 151 3.29 -5.32 -7.82
N SER A 152 2.19 -6.03 -7.59
CA SER A 152 0.84 -5.65 -8.01
C SER A 152 0.01 -5.31 -6.78
N ILE A 153 -0.84 -4.28 -6.89
CA ILE A 153 -1.79 -3.98 -5.79
C ILE A 153 -3.05 -4.86 -5.92
N GLY A 154 -3.24 -5.50 -7.04
CA GLY A 154 -4.44 -6.33 -7.28
C GLY A 154 -4.61 -6.69 -8.73
N ASP A 155 -5.50 -7.64 -9.01
CA ASP A 155 -5.66 -8.22 -10.36
C ASP A 155 -6.58 -7.32 -11.19
N TYR A 156 -6.12 -6.15 -11.53
CA TYR A 156 -6.84 -5.17 -12.37
C TYR A 156 -5.80 -4.23 -12.99
N VAL A 157 -6.18 -3.59 -14.09
CA VAL A 157 -5.29 -2.70 -14.87
C VAL A 157 -5.75 -1.28 -14.68
N LEU A 158 -4.77 -0.42 -14.36
CA LEU A 158 -4.98 1.02 -14.20
C LEU A 158 -4.28 1.76 -15.33
N THR A 159 -4.61 3.04 -15.46
CA THR A 159 -4.03 3.90 -16.52
C THR A 159 -2.56 4.15 -16.26
N GLY A 160 -2.07 3.95 -15.03
CA GLY A 160 -0.66 4.13 -14.71
C GLY A 160 -0.28 3.53 -13.41
N GLY A 161 1.01 3.39 -13.14
CA GLY A 161 1.43 2.90 -11.80
C GLY A 161 1.38 3.91 -10.66
N GLU A 162 0.91 5.15 -10.86
CA GLU A 162 0.83 6.18 -9.83
C GLU A 162 -0.09 5.75 -8.71
N LEU A 163 -1.34 5.36 -9.03
CA LEU A 163 -2.26 4.94 -7.94
C LEU A 163 -1.74 3.72 -7.21
N PRO A 164 -1.22 2.67 -7.90
CA PRO A 164 -0.55 1.59 -7.19
C PRO A 164 0.57 2.07 -6.26
N ALA A 165 1.43 2.94 -6.78
CA ALA A 165 2.57 3.49 -6.02
C ALA A 165 2.05 4.21 -4.77
N MET A 166 1.00 5.02 -4.90
CA MET A 166 0.47 5.79 -3.75
C MET A 166 -0.17 4.83 -2.73
N THR A 167 -0.82 3.78 -3.20
CA THR A 167 -1.43 2.72 -2.34
C THR A 167 -0.34 2.03 -1.54
N LEU A 168 0.76 1.65 -2.17
CA LEU A 168 1.91 1.03 -1.45
C LEU A 168 2.50 2.04 -0.46
N ILE A 169 2.71 3.32 -0.83
CA ILE A 169 3.26 4.35 0.10
C ILE A 169 2.37 4.42 1.35
N ASP A 170 1.09 4.58 1.13
CA ASP A 170 0.11 4.74 2.25
C ASP A 170 0.15 3.50 3.16
N ALA A 171 0.12 2.31 2.55
CA ALA A 171 0.08 1.05 3.29
C ALA A 171 1.36 0.88 4.11
N VAL A 172 2.50 1.20 3.52
CA VAL A 172 3.78 1.04 4.30
C VAL A 172 3.90 2.13 5.34
N ALA A 173 3.43 3.34 5.05
CA ALA A 173 3.51 4.47 5.98
C ALA A 173 2.84 4.14 7.34
N ARG A 174 1.78 3.34 7.33
CA ARG A 174 1.03 3.01 8.53
C ARG A 174 1.92 2.21 9.50
N PHE A 175 2.90 1.48 8.97
CA PHE A 175 3.82 0.63 9.76
C PHE A 175 5.05 1.45 10.18
N ILE A 176 5.16 2.72 9.82
CA ILE A 176 6.31 3.56 10.31
C ILE A 176 5.92 3.99 11.72
N PRO A 177 6.71 3.66 12.77
CA PRO A 177 6.33 4.07 14.13
C PRO A 177 6.11 5.57 14.19
N GLY A 178 5.01 5.98 14.79
CA GLY A 178 4.61 7.38 14.98
C GLY A 178 3.64 7.90 13.96
N VAL A 179 3.54 7.28 12.80
CA VAL A 179 2.57 7.76 11.77
C VAL A 179 1.12 7.66 12.31
N LEU A 180 0.75 6.56 12.91
CA LEU A 180 -0.64 6.39 13.43
C LEU A 180 -0.75 7.00 14.82
N GLY A 181 -1.96 6.96 15.41
CA GLY A 181 -2.13 7.39 16.82
C GLY A 181 -1.11 6.72 17.72
N ASP A 189 -3.51 -3.82 15.21
CA ASP A 189 -4.93 -3.51 14.88
C ASP A 189 -5.25 -3.55 13.36
N SER A 190 -4.26 -3.71 12.48
CA SER A 190 -4.52 -3.88 11.01
C SER A 190 -4.91 -5.33 10.75
N PHE A 191 -6.16 -5.53 10.33
CA PHE A 191 -6.68 -6.90 10.30
C PHE A 191 -6.23 -7.63 11.53
N ALA A 192 -6.80 -7.24 12.65
CA ALA A 192 -6.39 -7.77 13.97
C ALA A 192 -6.51 -9.30 13.91
N ASP A 193 -5.40 -10.04 14.15
CA ASP A 193 -5.43 -11.51 14.23
C ASP A 193 -5.40 -12.19 12.81
N GLY A 194 -5.10 -11.53 11.70
CA GLY A 194 -5.33 -11.95 10.33
C GLY A 194 -6.82 -12.11 9.97
N LEU A 195 -7.68 -11.38 10.67
CA LEU A 195 -9.14 -11.49 10.49
C LEU A 195 -9.72 -10.16 10.01
N LEU A 196 -10.91 -10.25 9.39
CA LEU A 196 -11.70 -9.04 9.01
C LEU A 196 -12.12 -8.29 10.27
N ASP A 197 -12.39 -7.01 10.14
CA ASP A 197 -12.89 -6.18 11.26
C ASP A 197 -14.19 -6.71 11.85
N CYS A 198 -14.32 -6.60 13.17
CA CYS A 198 -15.62 -6.82 13.82
C CYS A 198 -16.51 -5.63 13.48
N PRO A 199 -17.84 -5.75 13.60
CA PRO A 199 -18.73 -4.58 13.51
C PRO A 199 -18.31 -3.56 14.56
N HIS A 200 -18.37 -2.29 14.22
CA HIS A 200 -18.20 -1.21 15.23
C HIS A 200 -19.31 -0.18 15.10
N TYR A 201 -19.49 0.58 16.15
CA TYR A 201 -20.66 1.46 16.35
C TYR A 201 -20.25 2.70 17.09
N THR A 202 -20.86 3.83 16.70
CA THR A 202 -20.74 5.12 17.42
C THR A 202 -22.15 5.67 17.61
N ARG A 203 -22.25 6.91 18.07
CA ARG A 203 -23.59 7.49 18.37
C ARG A 203 -24.33 7.60 17.06
N PRO A 204 -25.68 7.52 17.05
CA PRO A 204 -26.49 7.38 18.27
C PRO A 204 -26.71 5.90 18.68
N GLU A 205 -27.22 5.71 19.88
CA GLU A 205 -27.57 4.38 20.41
C GLU A 205 -28.57 3.62 19.53
N VAL A 206 -29.51 4.32 18.92
CA VAL A 206 -30.46 3.75 17.96
C VAL A 206 -30.42 4.51 16.63
N LEU A 207 -30.26 3.79 15.55
CA LEU A 207 -30.19 4.35 14.19
C LEU A 207 -31.14 3.59 13.28
N GLU A 208 -32.19 4.28 12.83
CA GLU A 208 -33.23 3.72 11.93
C GLU A 208 -33.69 2.39 12.52
N GLY A 209 -33.96 2.41 13.83
CA GLY A 209 -34.47 1.25 14.60
C GLY A 209 -33.42 0.19 14.90
N LEU A 210 -32.14 0.37 14.52
CA LEU A 210 -31.00 -0.54 14.80
C LEU A 210 -30.27 -0.06 16.05
N THR A 211 -30.14 -0.93 17.04
CA THR A 211 -29.54 -0.64 18.34
C THR A 211 -28.09 -1.11 18.36
N VAL A 212 -27.26 -0.51 19.18
CA VAL A 212 -25.90 -0.96 19.48
C VAL A 212 -26.03 -2.22 20.35
N PRO A 213 -25.31 -3.31 20.00
CA PRO A 213 -25.27 -4.50 20.85
C PRO A 213 -24.98 -4.10 22.30
N PRO A 214 -25.83 -4.52 23.28
CA PRO A 214 -25.66 -4.12 24.68
C PRO A 214 -24.31 -4.41 25.34
N VAL A 215 -23.63 -5.47 24.87
CA VAL A 215 -22.28 -5.79 25.38
C VAL A 215 -21.36 -4.60 25.20
N LEU A 216 -21.44 -3.85 24.07
CA LEU A 216 -20.52 -2.72 23.84
C LEU A 216 -20.84 -1.53 24.79
N MET A 217 -22.02 -1.50 25.40
CA MET A 217 -22.40 -0.45 26.41
C MET A 217 -22.10 -0.92 27.85
N SER A 218 -21.77 -2.21 28.01
CA SER A 218 -21.70 -2.95 29.31
C SER A 218 -20.56 -2.42 30.17
N GLY A 219 -19.51 -1.88 29.55
CA GLY A 219 -18.25 -1.54 30.24
C GLY A 219 -17.44 -2.75 30.70
N HIS A 220 -17.82 -3.97 30.31
CA HIS A 220 -17.09 -5.23 30.65
C HIS A 220 -16.00 -5.51 29.58
N HIS A 221 -14.75 -5.11 29.84
CA HIS A 221 -13.66 -5.10 28.85
C HIS A 221 -13.38 -6.50 28.28
N GLU A 222 -13.39 -7.52 29.11
CA GLU A 222 -13.16 -8.93 28.66
C GLU A 222 -14.35 -9.44 27.84
N GLU A 223 -15.58 -9.17 28.25
CA GLU A 223 -16.75 -9.57 27.48
C GLU A 223 -16.72 -8.89 26.09
N ILE A 224 -16.30 -7.64 26.03
CA ILE A 224 -16.30 -6.85 24.75
C ILE A 224 -15.23 -7.44 23.86
N ARG A 225 -14.09 -7.78 24.45
CA ARG A 225 -12.94 -8.30 23.66
C ARG A 225 -13.35 -9.62 23.02
N LYS A 226 -13.97 -10.50 23.77
CA LYS A 226 -14.44 -11.81 23.30
C LYS A 226 -15.57 -11.68 22.28
N TRP A 227 -16.51 -10.77 22.51
CA TRP A 227 -17.57 -10.54 21.49
C TRP A 227 -16.91 -10.08 20.16
N ARG A 228 -16.00 -9.14 20.22
CA ARG A 228 -15.33 -8.58 18.99
C ARG A 228 -14.54 -9.67 18.26
N LEU A 229 -13.90 -10.55 19.01
CA LEU A 229 -13.08 -11.62 18.41
C LEU A 229 -14.03 -12.60 17.74
N LYS A 230 -15.06 -13.01 18.45
CA LYS A 230 -16.07 -13.93 17.88
C LYS A 230 -16.66 -13.34 16.57
N GLN A 231 -17.02 -12.07 16.58
CA GLN A 231 -17.65 -11.39 15.41
C GLN A 231 -16.65 -11.35 14.24
N SER A 232 -15.36 -11.08 14.51
CA SER A 232 -14.28 -11.03 13.51
C SER A 232 -14.16 -12.42 12.89
N LEU A 233 -14.12 -13.48 13.73
CA LEU A 233 -14.00 -14.86 13.24
C LEU A 233 -15.24 -15.21 12.40
N GLN A 234 -16.42 -14.82 12.89
CA GLN A 234 -17.67 -15.10 12.14
C GLN A 234 -17.66 -14.39 10.77
N ARG A 235 -17.32 -13.12 10.73
CA ARG A 235 -17.29 -12.36 9.45
C ARG A 235 -16.25 -12.94 8.52
N THR A 236 -15.08 -13.30 9.04
CA THR A 236 -14.02 -13.83 8.18
C THR A 236 -14.50 -15.17 7.61
N TRP A 237 -15.15 -16.00 8.44
CA TRP A 237 -15.66 -17.30 7.98
C TRP A 237 -16.69 -17.11 6.85
N LEU A 238 -17.60 -16.17 7.06
CA LEU A 238 -18.75 -15.97 6.12
C LEU A 238 -18.29 -15.33 4.83
N ARG A 239 -17.35 -14.38 4.88
CA ARG A 239 -16.96 -13.57 3.70
C ARG A 239 -15.69 -14.05 3.02
N ARG A 240 -14.75 -14.62 3.76
CA ARG A 240 -13.38 -14.89 3.28
C ARG A 240 -12.82 -16.10 4.02
N PRO A 241 -13.46 -17.27 3.83
CA PRO A 241 -13.12 -18.47 4.60
C PRO A 241 -11.69 -18.92 4.32
N GLU A 242 -11.14 -18.56 3.15
CA GLU A 242 -9.76 -18.95 2.79
C GLU A 242 -8.79 -18.20 3.71
N LEU A 243 -9.18 -17.06 4.26
CA LEU A 243 -8.28 -16.34 5.21
C LEU A 243 -8.09 -17.14 6.50
N LEU A 244 -9.08 -17.93 6.93
CA LEU A 244 -8.95 -18.78 8.15
C LEU A 244 -8.01 -19.96 7.92
N GLU A 245 -7.91 -20.43 6.70
CA GLU A 245 -7.03 -21.56 6.36
C GLU A 245 -5.58 -21.13 6.48
N GLY A 246 -5.29 -19.86 6.33
CA GLY A 246 -3.94 -19.31 6.49
C GLY A 246 -3.52 -19.23 7.94
N LEU A 247 -4.44 -19.46 8.87
CA LEU A 247 -4.16 -19.17 10.28
C LEU A 247 -4.08 -20.48 11.07
N ALA A 248 -3.28 -20.47 12.13
CA ALA A 248 -3.30 -21.47 13.21
C ALA A 248 -4.05 -20.81 14.35
N LEU A 249 -5.33 -21.13 14.44
CA LEU A 249 -6.19 -20.43 15.42
C LEU A 249 -5.75 -20.82 16.83
N THR A 250 -5.81 -19.86 17.73
CA THR A 250 -5.68 -20.13 19.21
C THR A 250 -6.85 -20.96 19.67
N ASP A 251 -6.69 -21.56 20.83
CA ASP A 251 -7.70 -22.37 21.48
C ASP A 251 -8.99 -21.51 21.64
N GLU A 252 -8.80 -20.28 22.13
CA GLU A 252 -9.93 -19.31 22.35
C GLU A 252 -10.62 -19.01 20.98
N GLN A 253 -9.83 -18.80 19.93
CA GLN A 253 -10.38 -18.54 18.57
C GLN A 253 -11.11 -19.76 18.07
N ARG A 254 -10.56 -20.98 18.26
CA ARG A 254 -11.26 -22.22 17.80
C ARG A 254 -12.64 -22.30 18.45
N LYS A 255 -12.72 -21.99 19.75
CA LYS A 255 -13.96 -22.13 20.50
C LYS A 255 -14.95 -21.04 20.07
N LEU A 256 -14.52 -19.79 19.93
CA LEU A 256 -15.44 -18.70 19.51
C LEU A 256 -15.92 -18.97 18.08
N LEU A 257 -15.07 -19.44 17.16
CA LEU A 257 -15.54 -19.77 15.78
C LEU A 257 -16.61 -20.87 15.83
N LYS A 258 -16.34 -21.93 16.59
CA LYS A 258 -17.34 -23.04 16.71
C LYS A 258 -18.64 -22.49 17.27
N GLU A 259 -18.58 -21.60 18.26
CA GLU A 259 -19.82 -21.00 18.85
C GLU A 259 -20.55 -20.26 17.73
N ALA A 260 -19.83 -19.43 16.93
CA ALA A 260 -20.42 -18.62 15.83
C ALA A 260 -21.01 -19.51 14.73
N GLN A 261 -20.31 -20.57 14.37
CA GLN A 261 -20.78 -21.49 13.36
C GLN A 261 -22.05 -22.21 13.89
N ALA A 262 -22.06 -22.68 15.14
CA ALA A 262 -23.25 -23.36 15.72
C ALA A 262 -24.44 -22.37 15.72
N GLU A 263 -24.23 -21.11 16.14
CA GLU A 263 -25.30 -20.08 16.15
C GLU A 263 -25.85 -19.82 14.75
N HIS A 264 -24.98 -19.80 13.73
CA HIS A 264 -25.34 -19.56 12.32
C HIS A 264 -26.26 -20.67 11.80
N ASN A 265 -26.02 -21.92 12.23
CA ASN A 265 -26.71 -23.16 11.75
C ASN A 265 -28.02 -23.50 12.50
#